data_6JAV
#
_entry.id   6JAV
#
_cell.length_a   98.643
_cell.length_b   98.643
_cell.length_c   94.884
_cell.angle_alpha   90.00
_cell.angle_beta   90.00
_cell.angle_gamma   90.00
#
_symmetry.space_group_name_H-M   'P 41 21 2'
#
loop_
_entity.id
_entity.type
_entity.pdbx_description
1 polymer 'Group II chitinase'
2 non-polymer "2-{[(4-chlorophenyl)methyl]sulfanyl}-7-methyl-N-(prop-2-en-1-yl)-7,8-dihydropyrido[4',3':4,5]thieno[2,3-d]pyrimidin-4-amine"
3 non-polymer 2-acetamido-2-deoxy-beta-D-glucopyranose
4 water water
#
_entity_poly.entity_id   1
_entity_poly.type   'polypeptide(L)'
_entity_poly.pdbx_seq_one_letter_code
;SLLNSRYKLVCYYTNWSWYRPGIGKYSPEDIDPSLCTHIVYGFAVLGNDGLMTAHDTWSDYDNRFYERVVEYKRYGIKVS
LALGGWNDSAGDKYSKLVNDPAARAKFVQHAVAFLEKYGFDGLDLDWEYPKCWQVDCSKGPDSDKQGFADLVHELSAVLK
PKGLLLSAAVSPNKMVIDAGYDVPVLARLLDWIAVMTYDYHGQWDKKTGHVAPLYYHPDDDTTYFNANYTIHYWMEKGTP
ASKIVMGMPMYGQSFTIENRGIHGLNIPVSDGGEPGEYTRAKGFLAYYEICDRIRNSGWTVVKDPYQRMGPYAYKGNQWV
SFDDVEIIKKKVNFIKSLNLGGGMIWALDLDDYRNRCGQGKHPLLNAIKTELLNPKIEMEKEMQQKPHK
;
_entity_poly.pdbx_strand_id   A
#
# COMPACT_ATOMS: atom_id res chain seq x y z
N SER A 1 10.32 1.29 -21.54
CA SER A 1 9.21 2.00 -20.91
C SER A 1 8.22 1.07 -20.19
N LEU A 2 7.83 1.44 -18.96
CA LEU A 2 6.88 0.63 -18.21
C LEU A 2 5.55 0.56 -18.94
N LEU A 3 5.13 1.67 -19.57
CA LEU A 3 3.81 1.67 -20.20
C LEU A 3 3.74 0.67 -21.35
N ASN A 4 4.86 0.44 -22.04
CA ASN A 4 4.90 -0.54 -23.12
C ASN A 4 5.20 -1.95 -22.65
N SER A 5 5.45 -2.16 -21.37
CA SER A 5 5.77 -3.47 -20.85
C SER A 5 4.48 -4.24 -20.53
N ARG A 6 4.66 -5.52 -20.17
CA ARG A 6 3.55 -6.37 -19.75
C ARG A 6 3.16 -6.18 -18.29
N TYR A 7 3.80 -5.26 -17.56
CA TYR A 7 3.58 -5.10 -16.12
C TYR A 7 2.99 -3.73 -15.79
N LYS A 8 2.19 -3.71 -14.75
CA LYS A 8 1.81 -2.47 -14.08
C LYS A 8 2.79 -2.16 -12.97
N LEU A 9 2.94 -0.87 -12.70
CA LEU A 9 3.64 -0.38 -11.51
C LEU A 9 2.70 0.69 -10.93
N VAL A 10 1.96 0.31 -9.89
CA VAL A 10 0.92 1.14 -9.32
C VAL A 10 1.52 1.93 -8.15
N CYS A 11 1.53 3.25 -8.27
CA CYS A 11 2.19 4.12 -7.29
C CYS A 11 1.12 4.86 -6.49
N TYR A 12 1.16 4.74 -5.17
CA TYR A 12 0.28 5.54 -4.34
C TYR A 12 0.88 6.92 -4.06
N TYR A 13 0.06 7.94 -4.25
CA TYR A 13 0.33 9.33 -3.92
C TYR A 13 -0.46 9.64 -2.65
N THR A 14 0.09 10.45 -1.76
CA THR A 14 -0.60 10.80 -0.51
C THR A 14 -0.70 12.32 -0.38
N ASN A 15 -1.92 12.82 -0.18
CA ASN A 15 -2.05 14.27 -0.08
C ASN A 15 -1.39 14.85 1.16
N TRP A 16 -1.26 14.06 2.23
CA TRP A 16 -0.78 14.60 3.49
C TRP A 16 0.74 14.74 3.54
N SER A 17 1.45 14.19 2.54
CA SER A 17 2.90 14.34 2.47
C SER A 17 3.31 15.77 2.15
N TRP A 18 2.35 16.62 1.78
CA TRP A 18 2.61 18.04 1.56
C TRP A 18 2.98 18.73 2.87
N TYR A 19 2.45 18.25 3.99
CA TYR A 19 2.60 18.88 5.30
C TYR A 19 3.76 18.24 6.05
N ARG A 20 4.92 18.33 5.42
CA ARG A 20 6.16 17.87 6.02
C ARG A 20 7.20 18.96 5.86
N PRO A 21 8.15 19.04 6.79
CA PRO A 21 9.14 20.11 6.75
C PRO A 21 10.25 19.84 5.76
N GLY A 22 10.86 20.93 5.29
CA GLY A 22 12.10 20.82 4.54
C GLY A 22 12.02 19.84 3.39
N ILE A 23 13.03 18.98 3.27
CA ILE A 23 13.07 18.06 2.15
C ILE A 23 11.98 16.98 2.23
N GLY A 24 11.27 16.87 3.35
CA GLY A 24 10.20 15.89 3.41
C GLY A 24 8.95 16.31 2.68
N LYS A 25 8.82 17.59 2.35
CA LYS A 25 7.66 18.05 1.61
C LYS A 25 7.60 17.34 0.26
N TYR A 26 6.40 16.88 -0.11
CA TYR A 26 6.16 16.27 -1.40
C TYR A 26 4.90 16.89 -1.99
N SER A 27 4.96 17.29 -3.26
CA SER A 27 3.85 17.93 -3.97
C SER A 27 3.52 17.13 -5.22
N PRO A 28 2.37 17.36 -5.85
CA PRO A 28 2.06 16.64 -7.11
C PRO A 28 3.13 16.71 -8.18
N GLU A 29 3.80 17.85 -8.33
CA GLU A 29 4.80 17.96 -9.39
C GLU A 29 6.08 17.20 -9.08
N ASP A 30 6.23 16.66 -7.85
CA ASP A 30 7.38 15.79 -7.57
C ASP A 30 7.20 14.39 -8.13
N ILE A 31 6.01 14.05 -8.61
CA ILE A 31 5.80 12.72 -9.21
C ILE A 31 6.67 12.59 -10.44
N ASP A 32 7.42 11.50 -10.52
CA ASP A 32 8.25 11.19 -11.68
C ASP A 32 7.45 10.31 -12.62
N PRO A 33 7.00 10.82 -13.78
CA PRO A 33 6.11 10.04 -14.66
C PRO A 33 6.78 8.90 -15.38
N SER A 34 8.11 8.76 -15.29
CA SER A 34 8.72 7.58 -15.88
C SER A 34 8.69 6.37 -14.97
N LEU A 35 8.19 6.52 -13.73
CA LEU A 35 8.32 5.45 -12.74
C LEU A 35 7.01 4.75 -12.41
N CYS A 36 5.89 5.12 -13.02
CA CYS A 36 4.60 4.53 -12.67
C CYS A 36 3.80 4.32 -13.93
N THR A 37 2.98 3.26 -13.97
CA THR A 37 1.97 3.12 -15.01
C THR A 37 0.61 3.63 -14.53
N HIS A 38 0.39 3.60 -13.23
CA HIS A 38 -0.87 3.98 -12.61
C HIS A 38 -0.51 4.77 -11.36
N ILE A 39 -1.22 5.87 -11.11
CA ILE A 39 -1.09 6.61 -9.88
C ILE A 39 -2.42 6.55 -9.17
N VAL A 40 -2.40 6.26 -7.87
CA VAL A 40 -3.62 6.20 -7.07
C VAL A 40 -3.54 7.27 -6.00
N TYR A 41 -4.54 8.14 -5.96
CA TYR A 41 -4.54 9.30 -5.06
C TYR A 41 -5.15 8.92 -3.72
N GLY A 42 -4.37 8.96 -2.66
CA GLY A 42 -4.86 8.69 -1.32
C GLY A 42 -5.03 9.97 -0.53
N PHE A 43 -6.22 10.21 0.03
CA PHE A 43 -7.45 9.41 -0.08
C PHE A 43 -8.62 10.40 -0.12
N ALA A 44 -9.72 9.98 -0.73
CA ALA A 44 -11.05 10.50 -0.43
C ALA A 44 -11.66 9.67 0.69
N VAL A 45 -12.68 10.21 1.34
CA VAL A 45 -13.26 9.57 2.53
C VAL A 45 -14.77 9.45 2.36
N LEU A 46 -15.39 8.65 3.25
CA LEU A 46 -16.83 8.49 3.25
C LEU A 46 -17.45 9.53 4.16
N GLY A 47 -18.26 10.42 3.59
CA GLY A 47 -18.90 11.45 4.38
C GLY A 47 -20.03 10.91 5.25
N ASN A 48 -20.50 11.77 6.15
CA ASN A 48 -21.58 11.40 7.07
C ASN A 48 -22.90 11.18 6.35
N ASP A 49 -23.06 11.70 5.14
CA ASP A 49 -24.21 11.47 4.31
C ASP A 49 -24.09 10.22 3.44
N GLY A 50 -23.06 9.40 3.67
CA GLY A 50 -22.87 8.18 2.89
C GLY A 50 -22.34 8.37 1.49
N LEU A 51 -21.71 9.52 1.19
CA LEU A 51 -21.21 9.82 -0.13
C LEU A 51 -19.72 10.11 -0.05
N MET A 52 -18.98 9.69 -1.09
CA MET A 52 -17.56 10.00 -1.18
C MET A 52 -17.35 11.52 -1.17
N THR A 53 -16.33 11.96 -0.44
CA THR A 53 -16.04 13.39 -0.33
C THR A 53 -14.54 13.59 -0.16
N ALA A 54 -14.08 14.79 -0.51
CA ALA A 54 -12.65 15.08 -0.35
C ALA A 54 -12.26 15.12 1.12
N HIS A 55 -11.10 14.56 1.41
CA HIS A 55 -10.58 14.54 2.77
C HIS A 55 -10.02 15.89 3.20
N ASP A 56 -9.30 16.56 2.31
CA ASP A 56 -8.59 17.79 2.67
C ASP A 56 -8.97 18.81 1.59
N THR A 57 -10.00 19.63 1.86
CA THR A 57 -10.42 20.58 0.83
C THR A 57 -9.32 21.60 0.51
N TRP A 58 -8.48 21.96 1.49
CA TRP A 58 -7.44 22.96 1.25
C TRP A 58 -6.46 22.48 0.18
N SER A 59 -6.02 21.22 0.26
CA SER A 59 -5.12 20.71 -0.77
C SER A 59 -5.88 20.23 -2.00
N ASP A 60 -6.87 19.36 -1.79
CA ASP A 60 -7.53 18.67 -2.90
C ASP A 60 -8.23 19.64 -3.84
N TYR A 61 -8.90 20.64 -3.27
CA TYR A 61 -9.70 21.61 -4.05
C TYR A 61 -9.00 22.96 -4.14
N ASP A 62 -8.75 23.62 -3.01
CA ASP A 62 -8.33 25.02 -3.06
C ASP A 62 -6.95 25.17 -3.70
N ASN A 63 -6.08 24.19 -3.51
CA ASN A 63 -4.78 24.17 -4.16
C ASN A 63 -4.73 23.20 -5.30
N ARG A 64 -5.88 22.70 -5.74
CA ARG A 64 -6.02 21.98 -7.01
C ARG A 64 -5.20 20.69 -7.05
N PHE A 65 -5.03 20.02 -5.89
CA PHE A 65 -4.23 18.78 -5.91
C PHE A 65 -4.86 17.69 -6.77
N TYR A 66 -6.21 17.54 -6.74
CA TYR A 66 -6.80 16.54 -7.64
C TYR A 66 -6.40 16.82 -9.09
N GLU A 67 -6.59 18.06 -9.55
CA GLU A 67 -6.24 18.40 -10.92
C GLU A 67 -4.76 18.20 -11.19
N ARG A 68 -3.91 18.53 -10.22
CA ARG A 68 -2.47 18.46 -10.45
C ARG A 68 -1.96 17.02 -10.46
N VAL A 69 -2.68 16.05 -9.88
CA VAL A 69 -2.29 14.66 -10.05
C VAL A 69 -2.93 14.05 -11.32
N VAL A 70 -4.19 14.41 -11.59
CA VAL A 70 -4.83 14.00 -12.84
C VAL A 70 -4.05 14.50 -14.06
N GLU A 71 -3.26 15.58 -13.92
CA GLU A 71 -2.32 16.02 -14.93
C GLU A 71 -1.53 14.88 -15.55
N TYR A 72 -1.19 13.87 -14.76
CA TYR A 72 -0.30 12.81 -15.25
C TYR A 72 -0.94 11.90 -16.28
N LYS A 73 -2.26 12.00 -16.50
CA LYS A 73 -2.86 11.30 -17.65
C LYS A 73 -2.20 11.73 -18.96
N ARG A 74 -1.62 12.91 -19.00
CA ARG A 74 -1.02 13.39 -20.24
C ARG A 74 0.17 12.55 -20.66
N TYR A 75 0.77 11.80 -19.74
CA TYR A 75 1.86 10.89 -20.04
C TYR A 75 1.39 9.48 -20.37
N GLY A 76 0.07 9.22 -20.38
CA GLY A 76 -0.45 7.88 -20.58
C GLY A 76 -0.63 7.09 -19.29
N ILE A 77 -0.37 7.72 -18.16
CA ILE A 77 -0.57 7.09 -16.86
C ILE A 77 -2.05 7.12 -16.54
N LYS A 78 -2.57 6.04 -15.92
CA LYS A 78 -3.96 6.02 -15.47
C LYS A 78 -3.99 6.52 -14.03
N VAL A 79 -4.85 7.49 -13.73
CA VAL A 79 -4.88 8.16 -12.42
C VAL A 79 -6.21 7.86 -11.76
N SER A 80 -6.19 7.10 -10.66
CA SER A 80 -7.40 6.74 -9.91
C SER A 80 -7.45 7.47 -8.58
N LEU A 81 -8.64 7.56 -8.03
CA LEU A 81 -8.85 8.12 -6.71
C LEU A 81 -9.14 6.98 -5.74
N ALA A 82 -8.42 6.93 -4.62
CA ALA A 82 -8.67 5.90 -3.60
C ALA A 82 -9.64 6.40 -2.55
N LEU A 83 -10.54 5.53 -2.12
CA LEU A 83 -11.48 5.82 -1.07
C LEU A 83 -11.14 4.98 0.15
N GLY A 84 -10.97 5.65 1.28
CA GLY A 84 -10.82 4.95 2.54
C GLY A 84 -9.45 5.19 3.18
N GLY A 85 -8.68 4.12 3.31
CA GLY A 85 -7.43 4.15 4.05
C GLY A 85 -7.63 3.72 5.50
N TRP A 86 -6.50 3.51 6.19
CA TRP A 86 -6.55 3.04 7.58
C TRP A 86 -7.37 3.96 8.47
N ASN A 87 -7.07 5.26 8.47
CA ASN A 87 -7.75 6.15 9.42
C ASN A 87 -9.25 6.21 9.17
N ASP A 88 -9.67 6.26 7.89
CA ASP A 88 -11.10 6.32 7.59
C ASP A 88 -11.82 5.02 7.88
N SER A 89 -11.09 3.94 8.13
CA SER A 89 -11.69 2.63 8.37
C SER A 89 -11.90 2.32 9.85
N ALA A 90 -11.72 3.31 10.74
CA ALA A 90 -11.77 3.05 12.18
C ALA A 90 -13.14 2.58 12.65
N GLY A 91 -14.21 3.16 12.12
CA GLY A 91 -15.50 2.79 12.69
C GLY A 91 -16.41 1.87 11.87
N ASP A 92 -17.71 2.02 12.05
CA ASP A 92 -18.68 1.20 11.35
C ASP A 92 -19.20 1.81 10.05
N LYS A 93 -18.72 2.96 9.59
CA LYS A 93 -19.45 3.65 8.52
C LYS A 93 -19.41 2.89 7.18
N TYR A 94 -18.30 2.21 6.85
CA TYR A 94 -18.30 1.44 5.60
C TYR A 94 -19.19 0.21 5.72
N SER A 95 -19.20 -0.43 6.89
CA SER A 95 -20.10 -1.54 7.13
C SER A 95 -21.56 -1.09 7.00
N LYS A 96 -21.91 0.07 7.56
CA LYS A 96 -23.27 0.56 7.43
C LYS A 96 -23.62 0.78 5.97
N LEU A 97 -22.68 1.32 5.19
CA LEU A 97 -22.93 1.54 3.77
C LEU A 97 -23.19 0.22 3.05
N VAL A 98 -22.26 -0.74 3.16
CA VAL A 98 -22.33 -1.91 2.30
C VAL A 98 -23.48 -2.83 2.68
N ASN A 99 -23.99 -2.75 3.90
CA ASN A 99 -25.10 -3.59 4.34
C ASN A 99 -26.47 -2.99 4.01
N ASP A 100 -26.51 -1.86 3.29
CA ASP A 100 -27.75 -1.12 3.01
C ASP A 100 -27.87 -0.94 1.50
N PRO A 101 -28.68 -1.75 0.81
CA PRO A 101 -28.76 -1.61 -0.66
C PRO A 101 -29.13 -0.21 -1.15
N ALA A 102 -30.07 0.47 -0.47
CA ALA A 102 -30.44 1.80 -0.88
C ALA A 102 -29.27 2.78 -0.74
N ALA A 103 -28.50 2.63 0.34
CA ALA A 103 -27.32 3.48 0.54
C ALA A 103 -26.27 3.21 -0.52
N ARG A 104 -26.06 1.93 -0.87
CA ARG A 104 -25.11 1.62 -1.93
C ARG A 104 -25.54 2.24 -3.24
N ALA A 105 -26.85 2.19 -3.55
CA ALA A 105 -27.31 2.69 -4.85
C ALA A 105 -27.11 4.19 -4.96
N LYS A 106 -27.35 4.93 -3.88
CA LYS A 106 -27.08 6.35 -3.89
C LYS A 106 -25.57 6.63 -4.00
N PHE A 107 -24.78 5.90 -3.22
CA PHE A 107 -23.33 6.11 -3.23
C PHE A 107 -22.75 5.92 -4.62
N VAL A 108 -23.19 4.89 -5.33
CA VAL A 108 -22.54 4.53 -6.59
C VAL A 108 -22.71 5.64 -7.63
N GLN A 109 -23.94 6.16 -7.78
CA GLN A 109 -24.14 7.16 -8.82
C GLN A 109 -23.39 8.44 -8.50
N HIS A 110 -23.37 8.83 -7.23
CA HIS A 110 -22.63 10.03 -6.85
C HIS A 110 -21.12 9.82 -7.04
N ALA A 111 -20.61 8.63 -6.70
CA ALA A 111 -19.17 8.38 -6.81
C ALA A 111 -18.70 8.51 -8.24
N VAL A 112 -19.45 7.95 -9.20
CA VAL A 112 -19.04 8.05 -10.60
C VAL A 112 -19.06 9.50 -11.07
N ALA A 113 -20.08 10.26 -10.64
CA ALA A 113 -20.12 11.70 -11.00
C ALA A 113 -18.92 12.44 -10.42
N PHE A 114 -18.52 12.08 -9.20
CA PHE A 114 -17.36 12.69 -8.54
C PHE A 114 -16.10 12.43 -9.36
N LEU A 115 -15.86 11.17 -9.74
CA LEU A 115 -14.69 10.83 -10.56
C LEU A 115 -14.69 11.61 -11.86
N GLU A 116 -15.84 11.68 -12.54
CA GLU A 116 -15.88 12.37 -13.84
C GLU A 116 -15.69 13.88 -13.68
N LYS A 117 -16.18 14.44 -12.58
CA LYS A 117 -16.01 15.89 -12.35
C LYS A 117 -14.53 16.27 -12.32
N TYR A 118 -13.70 15.46 -11.66
CA TYR A 118 -12.29 15.77 -11.50
C TYR A 118 -11.39 15.09 -12.51
N GLY A 119 -11.94 14.28 -13.42
CA GLY A 119 -11.14 13.68 -14.48
C GLY A 119 -10.41 12.42 -14.10
N PHE A 120 -10.78 11.76 -13.00
CA PHE A 120 -10.10 10.52 -12.64
C PHE A 120 -10.48 9.40 -13.59
N ASP A 121 -9.53 8.49 -13.79
CA ASP A 121 -9.71 7.32 -14.65
C ASP A 121 -10.36 6.15 -13.94
N GLY A 122 -10.51 6.21 -12.63
CA GLY A 122 -11.08 5.06 -11.92
C GLY A 122 -11.12 5.32 -10.43
N LEU A 123 -11.66 4.33 -9.72
CA LEU A 123 -11.82 4.33 -8.28
C LEU A 123 -11.06 3.14 -7.72
N ASP A 124 -10.32 3.36 -6.63
CA ASP A 124 -9.64 2.29 -5.91
C ASP A 124 -10.28 2.23 -4.52
N LEU A 125 -10.72 1.04 -4.12
CA LEU A 125 -11.39 0.85 -2.83
C LEU A 125 -10.35 0.41 -1.80
N ASP A 126 -10.25 1.15 -0.70
N ASP A 126 -10.27 1.14 -0.69
CA ASP A 126 -9.26 0.85 0.33
CA ASP A 126 -9.24 0.91 0.33
C ASP A 126 -9.94 0.89 1.70
C ASP A 126 -9.86 0.80 1.73
N TRP A 127 -10.96 0.05 1.85
CA TRP A 127 -11.56 -0.18 3.16
C TRP A 127 -10.71 -1.21 3.90
N GLU A 128 -10.21 -0.86 5.08
CA GLU A 128 -9.31 -1.75 5.85
C GLU A 128 -10.01 -2.15 7.15
N TYR A 129 -10.84 -3.20 7.13
CA TYR A 129 -11.12 -4.14 6.04
C TYR A 129 -12.58 -4.59 6.24
N PRO A 130 -13.22 -5.09 5.19
CA PRO A 130 -14.56 -5.69 5.38
C PRO A 130 -14.48 -6.73 6.47
N LYS A 131 -15.47 -6.71 7.39
CA LYS A 131 -15.59 -7.62 8.53
C LYS A 131 -14.55 -7.30 9.62
N CYS A 132 -13.27 -7.35 9.26
CA CYS A 132 -12.19 -7.12 10.21
C CYS A 132 -11.77 -5.65 10.20
N TRP A 133 -12.60 -4.81 10.84
CA TRP A 133 -12.37 -3.37 10.86
C TRP A 133 -11.05 -3.09 11.54
N GLN A 134 -10.14 -2.42 10.83
CA GLN A 134 -8.77 -2.23 11.35
C GLN A 134 -8.17 -3.52 11.90
N VAL A 135 -8.36 -4.63 11.16
CA VAL A 135 -7.80 -5.95 11.41
C VAL A 135 -8.50 -6.71 12.53
N ASP A 136 -9.50 -6.11 13.17
CA ASP A 136 -10.17 -6.78 14.29
C ASP A 136 -11.41 -7.50 13.78
N CYS A 137 -11.28 -8.82 13.57
CA CYS A 137 -12.37 -9.61 13.01
C CYS A 137 -13.55 -9.76 13.95
N SER A 138 -13.42 -9.39 15.23
CA SER A 138 -14.58 -9.39 16.12
C SER A 138 -15.50 -8.20 15.92
N LYS A 139 -15.10 -7.18 15.16
CA LYS A 139 -15.86 -5.94 15.13
C LYS A 139 -17.04 -5.98 14.16
N GLY A 140 -16.87 -6.53 12.96
CA GLY A 140 -17.86 -6.39 11.92
C GLY A 140 -18.64 -7.66 11.71
N PRO A 141 -19.80 -7.54 11.07
CA PRO A 141 -20.61 -8.71 10.74
C PRO A 141 -20.06 -9.43 9.52
N ASP A 142 -20.30 -10.75 9.48
CA ASP A 142 -19.96 -11.53 8.30
C ASP A 142 -20.60 -10.98 7.02
N SER A 143 -21.77 -10.35 7.12
CA SER A 143 -22.43 -9.79 5.95
C SER A 143 -21.66 -8.64 5.29
N ASP A 144 -20.60 -8.13 5.94
CA ASP A 144 -19.70 -7.21 5.26
C ASP A 144 -19.12 -7.83 4.00
N LYS A 145 -18.89 -9.15 4.00
CA LYS A 145 -18.33 -9.80 2.81
C LYS A 145 -19.28 -9.70 1.62
N GLN A 146 -20.53 -10.12 1.80
CA GLN A 146 -21.48 -10.03 0.69
C GLN A 146 -21.76 -8.58 0.34
N GLY A 147 -21.82 -7.71 1.35
CA GLY A 147 -22.11 -6.32 1.07
C GLY A 147 -21.02 -5.67 0.23
N PHE A 148 -19.75 -5.92 0.59
CA PHE A 148 -18.65 -5.39 -0.21
C PHE A 148 -18.66 -5.97 -1.62
N ALA A 149 -18.93 -7.26 -1.76
CA ALA A 149 -19.00 -7.86 -3.10
C ALA A 149 -20.09 -7.22 -3.94
N ASP A 150 -21.24 -6.90 -3.31
CA ASP A 150 -22.31 -6.24 -4.04
C ASP A 150 -21.96 -4.80 -4.37
N LEU A 151 -21.27 -4.11 -3.45
CA LEU A 151 -20.77 -2.76 -3.77
C LEU A 151 -19.84 -2.80 -4.98
N VAL A 152 -18.92 -3.76 -4.99
CA VAL A 152 -18.01 -3.91 -6.14
C VAL A 152 -18.78 -4.17 -7.42
N HIS A 153 -19.79 -5.06 -7.36
CA HIS A 153 -20.58 -5.30 -8.57
C HIS A 153 -21.29 -4.02 -9.03
N GLU A 154 -21.90 -3.30 -8.09
CA GLU A 154 -22.70 -2.13 -8.47
C GLU A 154 -21.81 -1.01 -9.01
N LEU A 155 -20.61 -0.86 -8.44
CA LEU A 155 -19.66 0.09 -9.01
C LEU A 155 -19.20 -0.34 -10.40
N SER A 156 -18.83 -1.62 -10.54
CA SER A 156 -18.39 -2.13 -11.83
C SER A 156 -19.45 -1.89 -12.90
N ALA A 157 -20.71 -2.08 -12.54
CA ALA A 157 -21.79 -1.97 -13.53
C ALA A 157 -21.94 -0.56 -14.07
N VAL A 158 -21.55 0.45 -13.30
CA VAL A 158 -21.57 1.83 -13.78
C VAL A 158 -20.24 2.24 -14.38
N LEU A 159 -19.11 1.83 -13.78
CA LEU A 159 -17.82 2.31 -14.23
C LEU A 159 -17.40 1.65 -15.54
N LYS A 160 -17.61 0.34 -15.67
CA LYS A 160 -17.07 -0.38 -16.83
C LYS A 160 -17.65 0.12 -18.16
N PRO A 161 -18.96 0.36 -18.30
CA PRO A 161 -19.46 0.93 -19.56
C PRO A 161 -18.89 2.30 -19.90
N LYS A 162 -18.50 3.12 -18.92
CA LYS A 162 -17.86 4.39 -19.17
C LYS A 162 -16.36 4.27 -19.41
N GLY A 163 -15.82 3.05 -19.41
CA GLY A 163 -14.38 2.90 -19.61
C GLY A 163 -13.56 3.29 -18.40
N LEU A 164 -14.15 3.29 -17.22
CA LEU A 164 -13.47 3.70 -15.98
C LEU A 164 -13.03 2.45 -15.25
N LEU A 165 -11.92 2.58 -14.50
CA LEU A 165 -11.29 1.46 -13.82
C LEU A 165 -11.82 1.31 -12.40
N LEU A 166 -11.78 0.07 -11.91
CA LEU A 166 -12.13 -0.22 -10.54
C LEU A 166 -11.11 -1.19 -9.97
N SER A 167 -10.50 -0.83 -8.85
CA SER A 167 -9.47 -1.65 -8.21
C SER A 167 -9.70 -1.65 -6.72
N ALA A 168 -8.96 -2.49 -6.01
CA ALA A 168 -9.00 -2.45 -4.55
C ALA A 168 -7.65 -2.78 -3.97
N ALA A 169 -7.33 -2.16 -2.83
CA ALA A 169 -6.19 -2.56 -2.03
C ALA A 169 -6.70 -3.50 -0.96
N VAL A 170 -6.02 -4.63 -0.78
CA VAL A 170 -6.57 -5.72 0.03
C VAL A 170 -5.54 -6.29 1.02
N SER A 171 -6.07 -6.91 2.08
CA SER A 171 -5.25 -7.46 3.16
C SER A 171 -4.35 -8.61 2.68
N PRO A 172 -3.18 -8.76 3.29
CA PRO A 172 -2.35 -9.95 3.06
C PRO A 172 -2.57 -11.05 4.08
N ASN A 173 -3.47 -10.85 5.05
CA ASN A 173 -3.61 -11.71 6.23
C ASN A 173 -4.67 -12.77 5.93
N LYS A 174 -4.26 -14.05 6.02
CA LYS A 174 -5.16 -15.18 5.72
C LYS A 174 -6.52 -15.04 6.40
N MET A 175 -6.55 -14.72 7.69
CA MET A 175 -7.83 -14.65 8.41
C MET A 175 -8.72 -13.53 7.89
N VAL A 176 -8.12 -12.37 7.59
CA VAL A 176 -8.89 -11.24 7.04
C VAL A 176 -9.38 -11.57 5.63
N ILE A 177 -8.53 -12.17 4.80
CA ILE A 177 -8.94 -12.57 3.47
C ILE A 177 -10.15 -13.49 3.56
N ASP A 178 -10.06 -14.50 4.43
CA ASP A 178 -11.14 -15.47 4.57
C ASP A 178 -12.43 -14.80 5.03
N ALA A 179 -12.33 -13.82 5.93
CA ALA A 179 -13.51 -13.22 6.54
C ALA A 179 -14.14 -12.14 5.67
N GLY A 180 -13.36 -11.40 4.91
CA GLY A 180 -13.87 -10.17 4.33
C GLY A 180 -14.11 -10.20 2.84
N TYR A 181 -13.50 -11.14 2.10
CA TYR A 181 -13.48 -11.04 0.65
C TYR A 181 -14.16 -12.23 -0.01
N ASP A 182 -15.10 -11.94 -0.90
CA ASP A 182 -15.63 -12.94 -1.83
C ASP A 182 -14.67 -12.89 -3.01
N VAL A 183 -13.62 -13.71 -2.94
CA VAL A 183 -12.50 -13.57 -3.87
C VAL A 183 -12.91 -13.79 -5.31
N PRO A 184 -13.70 -14.81 -5.67
CA PRO A 184 -14.08 -14.93 -7.10
C PRO A 184 -14.81 -13.71 -7.64
N VAL A 185 -15.68 -13.08 -6.87
CA VAL A 185 -16.40 -11.92 -7.37
C VAL A 185 -15.44 -10.77 -7.60
N LEU A 186 -14.58 -10.51 -6.60
CA LEU A 186 -13.62 -9.43 -6.73
C LEU A 186 -12.68 -9.69 -7.89
N ALA A 187 -12.20 -10.92 -8.03
CA ALA A 187 -11.24 -11.23 -9.08
C ALA A 187 -11.84 -11.09 -10.46
N ARG A 188 -13.12 -11.38 -10.60
CA ARG A 188 -13.76 -11.27 -11.91
C ARG A 188 -14.01 -9.81 -12.30
N LEU A 189 -14.38 -8.96 -11.33
CA LEU A 189 -14.85 -7.61 -11.64
C LEU A 189 -13.77 -6.54 -11.56
N LEU A 190 -12.79 -6.68 -10.69
CA LEU A 190 -11.78 -5.65 -10.52
C LEU A 190 -10.73 -5.70 -11.63
N ASP A 191 -10.24 -4.52 -12.02
CA ASP A 191 -9.18 -4.47 -13.02
C ASP A 191 -7.83 -4.87 -12.43
N TRP A 192 -7.60 -4.56 -11.16
CA TRP A 192 -6.49 -5.16 -10.45
C TRP A 192 -6.82 -5.18 -8.96
N ILE A 193 -6.10 -6.04 -8.27
CA ILE A 193 -6.15 -6.21 -6.83
C ILE A 193 -4.74 -5.92 -6.32
N ALA A 194 -4.58 -4.83 -5.55
CA ALA A 194 -3.28 -4.45 -5.02
C ALA A 194 -3.17 -5.11 -3.64
N VAL A 195 -2.39 -6.19 -3.58
CA VAL A 195 -2.26 -6.91 -2.32
C VAL A 195 -1.24 -6.19 -1.45
N MET A 196 -1.65 -5.81 -0.25
CA MET A 196 -0.80 -5.02 0.64
C MET A 196 0.12 -5.96 1.42
N THR A 197 1.11 -6.51 0.68
CA THR A 197 2.11 -7.47 1.19
C THR A 197 3.15 -6.76 2.04
N TYR A 198 2.70 -6.10 3.11
CA TYR A 198 3.54 -5.39 4.04
C TYR A 198 2.75 -5.18 5.31
N ASP A 199 3.42 -4.60 6.31
CA ASP A 199 2.87 -4.49 7.66
C ASP A 199 2.53 -5.86 8.25
N TYR A 200 3.30 -6.89 7.90
CA TYR A 200 3.10 -8.18 8.55
C TYR A 200 3.52 -8.12 10.01
N HIS A 201 4.42 -7.21 10.36
CA HIS A 201 4.95 -7.07 11.71
C HIS A 201 5.14 -5.60 12.01
N GLY A 202 5.06 -5.26 13.29
CA GLY A 202 5.15 -3.90 13.76
C GLY A 202 5.06 -3.89 15.27
N GLN A 203 5.11 -2.68 15.84
CA GLN A 203 5.16 -2.50 17.29
C GLN A 203 4.04 -3.24 18.02
N TRP A 204 2.89 -3.43 17.37
CA TRP A 204 1.75 -4.12 17.98
C TRP A 204 2.07 -5.56 18.36
N ASP A 205 3.11 -6.18 17.77
CA ASP A 205 3.47 -7.56 18.08
C ASP A 205 4.20 -7.69 19.41
N LYS A 206 4.70 -6.58 19.97
CA LYS A 206 5.50 -6.56 21.19
C LYS A 206 6.84 -7.27 21.04
N LYS A 207 7.28 -7.50 19.81
CA LYS A 207 8.60 -8.03 19.56
C LYS A 207 9.00 -7.63 18.15
N THR A 208 10.30 -7.67 17.85
CA THR A 208 10.77 -7.22 16.54
C THR A 208 10.42 -8.23 15.46
N GLY A 209 10.20 -7.72 14.25
CA GLY A 209 9.96 -8.57 13.10
C GLY A 209 10.05 -7.71 11.86
N HIS A 210 10.02 -8.38 10.71
CA HIS A 210 10.17 -7.66 9.44
C HIS A 210 8.84 -7.14 8.90
N VAL A 211 8.84 -5.86 8.48
CA VAL A 211 7.65 -5.26 7.86
C VAL A 211 7.07 -6.11 6.72
N ALA A 212 7.91 -6.78 5.93
CA ALA A 212 7.45 -7.37 4.67
C ALA A 212 8.31 -8.54 4.23
N PRO A 213 8.29 -9.65 4.99
CA PRO A 213 9.04 -10.83 4.54
C PRO A 213 8.49 -11.39 3.24
N LEU A 214 9.40 -11.88 2.39
CA LEU A 214 9.03 -12.53 1.14
C LEU A 214 8.73 -14.01 1.36
N TYR A 215 9.59 -14.71 2.10
CA TYR A 215 9.46 -16.15 2.32
C TYR A 215 9.45 -16.46 3.80
N TYR A 216 8.89 -17.64 4.12
CA TYR A 216 8.89 -18.16 5.48
C TYR A 216 10.30 -18.21 6.06
N HIS A 217 10.40 -17.85 7.33
CA HIS A 217 11.62 -17.91 8.12
C HIS A 217 11.39 -18.89 9.26
N PRO A 218 12.37 -19.76 9.57
CA PRO A 218 12.12 -20.86 10.54
C PRO A 218 11.66 -20.42 11.92
N ASP A 219 11.92 -19.19 12.34
CA ASP A 219 11.50 -18.69 13.64
C ASP A 219 10.13 -17.99 13.61
N ASP A 220 9.44 -18.00 12.48
CA ASP A 220 8.15 -17.32 12.40
C ASP A 220 7.12 -18.06 13.25
N ASP A 221 6.23 -17.29 13.90
CA ASP A 221 5.15 -17.87 14.68
C ASP A 221 4.15 -18.59 13.79
N THR A 222 4.02 -18.20 12.53
CA THR A 222 3.04 -18.77 11.63
C THR A 222 3.69 -19.07 10.30
N THR A 223 3.01 -19.89 9.50
CA THR A 223 3.47 -20.17 8.16
C THR A 223 2.94 -19.15 7.14
N TYR A 224 2.05 -18.26 7.54
CA TYR A 224 1.31 -17.46 6.55
C TYR A 224 1.64 -15.97 6.54
N PHE A 225 2.49 -15.48 7.43
CA PHE A 225 2.83 -14.05 7.42
C PHE A 225 4.06 -13.78 6.55
N ASN A 226 3.91 -14.06 5.25
CA ASN A 226 4.95 -13.71 4.28
C ASN A 226 4.29 -13.55 2.92
N ALA A 227 4.96 -12.78 2.04
CA ALA A 227 4.35 -12.42 0.76
C ALA A 227 4.13 -13.64 -0.12
N ASN A 228 5.03 -14.61 -0.07
CA ASN A 228 4.88 -15.80 -0.89
C ASN A 228 3.60 -16.56 -0.55
N TYR A 229 3.33 -16.75 0.74
CA TYR A 229 2.08 -17.40 1.13
C TYR A 229 0.88 -16.56 0.68
N THR A 230 0.92 -15.27 0.98
CA THR A 230 -0.22 -14.38 0.68
C THR A 230 -0.57 -14.40 -0.80
N ILE A 231 0.43 -14.25 -1.67
CA ILE A 231 0.15 -14.17 -3.09
C ILE A 231 -0.40 -15.49 -3.60
N HIS A 232 0.19 -16.61 -3.16
CA HIS A 232 -0.34 -17.89 -3.58
C HIS A 232 -1.73 -18.13 -3.02
N TYR A 233 -2.03 -17.58 -1.85
CA TYR A 233 -3.36 -17.77 -1.26
C TYR A 233 -4.42 -16.99 -2.03
N TRP A 234 -4.14 -15.74 -2.42
CA TRP A 234 -5.07 -15.03 -3.30
C TRP A 234 -5.35 -15.82 -4.57
N MET A 235 -4.32 -16.44 -5.15
CA MET A 235 -4.52 -17.25 -6.35
C MET A 235 -5.33 -18.51 -6.05
N GLU A 236 -5.02 -19.18 -4.94
CA GLU A 236 -5.76 -20.39 -4.55
C GLU A 236 -7.23 -20.08 -4.35
N LYS A 237 -7.53 -18.89 -3.83
CA LYS A 237 -8.92 -18.48 -3.59
C LYS A 237 -9.66 -18.08 -4.86
N GLY A 238 -8.98 -18.01 -6.00
CA GLY A 238 -9.64 -17.75 -7.28
C GLY A 238 -9.14 -16.53 -8.04
N THR A 239 -7.99 -15.92 -7.61
CA THR A 239 -7.59 -14.72 -8.34
C THR A 239 -6.62 -15.07 -9.46
N PRO A 240 -6.88 -14.63 -10.70
CA PRO A 240 -5.87 -14.79 -11.77
C PRO A 240 -4.59 -14.02 -11.47
N ALA A 241 -3.45 -14.59 -11.86
CA ALA A 241 -2.18 -13.89 -11.67
C ALA A 241 -2.21 -12.50 -12.29
N SER A 242 -2.81 -12.36 -13.46
CA SER A 242 -2.79 -11.08 -14.16
C SER A 242 -3.51 -9.98 -13.39
N LYS A 243 -4.38 -10.33 -12.45
CA LYS A 243 -5.12 -9.33 -11.68
C LYS A 243 -4.35 -8.88 -10.45
N ILE A 244 -3.28 -9.57 -10.06
CA ILE A 244 -2.56 -9.26 -8.82
C ILE A 244 -1.43 -8.27 -9.10
N VAL A 245 -1.37 -7.20 -8.30
CA VAL A 245 -0.15 -6.41 -8.21
C VAL A 245 0.34 -6.52 -6.75
N MET A 246 1.63 -6.81 -6.59
CA MET A 246 2.21 -7.07 -5.28
C MET A 246 2.74 -5.80 -4.65
N GLY A 247 2.26 -5.49 -3.45
CA GLY A 247 2.73 -4.29 -2.76
C GLY A 247 4.14 -4.43 -2.21
N MET A 248 4.87 -3.31 -2.25
CA MET A 248 6.21 -3.22 -1.69
C MET A 248 6.31 -1.94 -0.89
N PRO A 249 6.82 -2.01 0.34
CA PRO A 249 6.90 -0.81 1.22
C PRO A 249 8.13 0.04 0.95
N MET A 250 7.91 1.34 0.85
CA MET A 250 8.99 2.33 0.75
C MET A 250 9.34 2.90 2.12
N TYR A 251 9.06 2.15 3.18
CA TYR A 251 9.23 2.59 4.54
C TYR A 251 9.52 1.37 5.41
N GLY A 252 9.84 1.65 6.67
CA GLY A 252 10.06 0.58 7.63
C GLY A 252 9.18 0.73 8.84
N GLN A 253 9.03 -0.40 9.55
CA GLN A 253 8.41 -0.42 10.86
C GLN A 253 9.50 -0.34 11.91
N SER A 254 9.33 0.60 12.85
CA SER A 254 10.34 0.85 13.87
C SER A 254 9.84 0.44 15.25
N PHE A 255 10.80 0.15 16.11
CA PHE A 255 10.53 -0.46 17.41
C PHE A 255 11.51 0.10 18.44
N THR A 256 11.02 0.29 19.67
CA THR A 256 11.88 0.56 20.82
C THR A 256 12.09 -0.77 21.55
N ILE A 257 13.32 -1.27 21.52
CA ILE A 257 13.60 -2.58 22.07
C ILE A 257 13.86 -2.46 23.57
N GLU A 258 13.45 -3.51 24.30
CA GLU A 258 13.55 -3.49 25.75
C GLU A 258 14.99 -3.49 26.23
N ASN A 259 15.92 -3.95 25.40
CA ASN A 259 17.27 -4.24 25.88
C ASN A 259 18.23 -4.03 24.71
N ARG A 260 19.11 -3.04 24.82
CA ARG A 260 20.07 -2.76 23.75
C ARG A 260 21.02 -3.91 23.50
N GLY A 261 21.15 -4.84 24.45
CA GLY A 261 22.15 -5.90 24.40
C GLY A 261 21.82 -7.07 23.50
N ILE A 262 20.55 -7.33 23.22
CA ILE A 262 20.16 -8.22 22.14
C ILE A 262 19.44 -7.39 21.09
N HIS A 263 19.61 -7.77 19.82
CA HIS A 263 19.08 -6.91 18.77
C HIS A 263 18.65 -7.67 17.52
N GLY A 264 18.30 -8.95 17.62
CA GLY A 264 17.88 -9.73 16.48
C GLY A 264 16.38 -9.68 16.24
N LEU A 265 15.90 -10.69 15.52
CA LEU A 265 14.46 -10.85 15.26
C LEU A 265 13.79 -11.42 16.49
N ASN A 266 12.51 -11.10 16.66
CA ASN A 266 11.64 -11.68 17.69
C ASN A 266 12.05 -11.34 19.12
N ILE A 267 12.76 -10.23 19.31
CA ILE A 267 13.18 -9.80 20.66
C ILE A 267 12.15 -8.85 21.25
N PRO A 268 12.03 -8.79 22.59
CA PRO A 268 10.97 -7.99 23.20
C PRO A 268 11.06 -6.50 22.90
N VAL A 269 9.91 -5.89 22.74
CA VAL A 269 9.77 -4.49 22.35
C VAL A 269 8.80 -3.82 23.32
N SER A 270 9.14 -2.61 23.75
CA SER A 270 8.31 -1.87 24.69
C SER A 270 7.36 -0.87 24.02
N ASP A 271 7.66 -0.41 22.82
CA ASP A 271 6.87 0.61 22.15
C ASP A 271 7.31 0.67 20.70
N GLY A 272 6.57 1.45 19.90
CA GLY A 272 7.08 1.84 18.60
C GLY A 272 8.39 2.61 18.70
N GLY A 273 9.09 2.69 17.58
CA GLY A 273 10.30 3.48 17.55
C GLY A 273 10.02 4.97 17.61
N GLU A 274 11.05 5.71 18.00
CA GLU A 274 10.93 7.16 18.06
C GLU A 274 10.52 7.71 16.70
N PRO A 275 9.58 8.67 16.65
CA PRO A 275 9.16 9.23 15.35
C PRO A 275 10.32 9.84 14.58
N GLY A 276 10.24 9.72 13.25
CA GLY A 276 11.18 10.41 12.39
C GLY A 276 10.88 11.91 12.34
N GLU A 277 11.90 12.68 12.01
CA GLU A 277 11.71 14.12 12.00
C GLU A 277 10.85 14.60 10.84
N TYR A 278 10.73 13.83 9.76
CA TYR A 278 9.88 14.24 8.66
C TYR A 278 8.50 13.62 8.69
N THR A 279 8.41 12.33 9.00
CA THR A 279 7.12 11.64 8.93
C THR A 279 6.34 11.70 10.23
N ARG A 280 7.03 11.89 11.37
CA ARG A 280 6.41 12.27 12.64
C ARG A 280 5.31 11.29 13.09
N ALA A 281 5.63 9.99 13.03
CA ALA A 281 4.69 8.94 13.38
C ALA A 281 5.46 7.83 14.10
N LYS A 282 5.18 7.64 15.39
CA LYS A 282 5.87 6.61 16.16
C LYS A 282 5.65 5.25 15.51
N GLY A 283 6.74 4.48 15.36
CA GLY A 283 6.64 3.16 14.77
C GLY A 283 6.85 3.11 13.27
N PHE A 284 7.10 4.25 12.64
CA PHE A 284 7.18 4.36 11.19
C PHE A 284 8.39 5.19 10.81
N LEU A 285 9.13 4.78 9.77
CA LEU A 285 10.16 5.64 9.21
C LEU A 285 10.17 5.51 7.69
N ALA A 286 10.28 6.64 6.99
CA ALA A 286 10.39 6.59 5.55
C ALA A 286 11.75 6.00 5.16
N TYR A 287 11.84 5.42 3.96
CA TYR A 287 13.14 4.95 3.50
C TYR A 287 14.19 6.06 3.57
N TYR A 288 13.84 7.30 3.23
CA TYR A 288 14.85 8.35 3.27
C TYR A 288 15.27 8.73 4.69
N GLU A 289 14.45 8.41 5.69
CA GLU A 289 14.88 8.55 7.08
C GLU A 289 15.78 7.39 7.50
N ILE A 290 15.46 6.17 7.04
CA ILE A 290 16.26 4.99 7.40
C ILE A 290 17.65 5.06 6.77
N CYS A 291 17.71 5.38 5.47
CA CYS A 291 19.00 5.37 4.80
C CYS A 291 19.95 6.42 5.39
N ASP A 292 19.40 7.55 5.84
CA ASP A 292 20.24 8.56 6.49
C ASP A 292 20.78 8.06 7.83
N ARG A 293 19.96 7.35 8.59
CA ARG A 293 20.43 6.78 9.86
C ARG A 293 21.58 5.81 9.62
N ILE A 294 21.50 5.01 8.57
CA ILE A 294 22.56 4.06 8.25
C ILE A 294 23.80 4.80 7.73
N ARG A 295 23.61 5.74 6.80
CA ARG A 295 24.75 6.38 6.15
C ARG A 295 25.48 7.32 7.12
N ASN A 296 24.74 8.08 7.95
CA ASN A 296 25.33 9.20 8.68
C ASN A 296 25.23 9.09 10.19
N SER A 297 24.46 8.16 10.74
CA SER A 297 24.33 8.00 12.18
C SER A 297 24.80 6.64 12.68
N GLY A 298 25.47 5.86 11.84
CA GLY A 298 26.10 4.64 12.32
C GLY A 298 25.18 3.51 12.71
N TRP A 299 23.96 3.45 12.21
CA TRP A 299 23.11 2.32 12.55
C TRP A 299 23.69 1.07 11.91
N THR A 300 23.59 -0.06 12.61
CA THR A 300 24.14 -1.32 12.14
C THR A 300 23.07 -2.07 11.34
N VAL A 301 23.45 -2.59 10.18
CA VAL A 301 22.52 -3.25 9.27
C VAL A 301 22.76 -4.76 9.33
N VAL A 302 21.68 -5.54 9.44
CA VAL A 302 21.75 -7.00 9.36
C VAL A 302 20.93 -7.44 8.15
N LYS A 303 21.57 -8.14 7.21
CA LYS A 303 20.90 -8.68 6.03
C LYS A 303 20.66 -10.16 6.19
N ASP A 304 19.66 -10.67 5.47
CA ASP A 304 19.40 -12.11 5.43
C ASP A 304 20.13 -12.69 4.22
N PRO A 305 21.15 -13.52 4.42
CA PRO A 305 21.90 -14.07 3.28
C PRO A 305 21.07 -14.94 2.35
N TYR A 306 19.97 -15.53 2.84
CA TYR A 306 19.06 -16.29 1.99
C TYR A 306 17.98 -15.42 1.34
N GLN A 307 17.94 -14.12 1.67
CA GLN A 307 17.03 -13.19 1.01
C GLN A 307 15.57 -13.64 1.12
N ARG A 308 15.19 -14.13 2.30
CA ARG A 308 13.78 -14.37 2.59
C ARG A 308 13.09 -13.09 3.05
N MET A 309 13.89 -12.11 3.47
CA MET A 309 13.34 -10.83 3.90
C MET A 309 14.45 -9.82 3.75
N GLY A 310 14.06 -8.54 3.74
CA GLY A 310 14.99 -7.44 3.68
C GLY A 310 15.75 -7.22 4.97
N PRO A 311 16.53 -6.15 5.01
CA PRO A 311 17.37 -5.88 6.19
C PRO A 311 16.57 -5.38 7.39
N TYR A 312 17.26 -5.41 8.53
CA TYR A 312 16.88 -4.54 9.64
C TYR A 312 18.12 -3.76 10.07
N ALA A 313 17.89 -2.68 10.80
CA ALA A 313 18.98 -1.82 11.26
C ALA A 313 18.70 -1.34 12.67
N TYR A 314 19.77 -1.10 13.45
CA TYR A 314 19.53 -0.75 14.84
C TYR A 314 20.64 0.16 15.37
N LYS A 315 20.29 0.92 16.41
CA LYS A 315 21.26 1.70 17.16
C LYS A 315 20.66 1.97 18.53
N GLY A 316 21.43 1.65 19.57
CA GLY A 316 20.89 1.85 20.91
C GLY A 316 19.66 0.98 21.08
N ASN A 317 18.57 1.59 21.55
CA ASN A 317 17.31 0.87 21.72
C ASN A 317 16.34 1.07 20.56
N GLN A 318 16.81 1.53 19.41
CA GLN A 318 15.96 1.73 18.24
C GLN A 318 16.27 0.66 17.19
N TRP A 319 15.23 0.15 16.54
CA TRP A 319 15.37 -0.98 15.62
C TRP A 319 14.33 -0.81 14.51
N VAL A 320 14.72 -1.00 13.24
CA VAL A 320 13.77 -0.79 12.14
C VAL A 320 13.97 -1.86 11.08
N SER A 321 12.86 -2.39 10.55
CA SER A 321 12.95 -3.34 9.45
C SER A 321 12.34 -2.72 8.20
N PHE A 322 12.91 -3.05 7.03
CA PHE A 322 12.61 -2.31 5.81
C PHE A 322 13.12 -3.08 4.61
N ASP A 323 12.78 -2.59 3.42
CA ASP A 323 13.27 -3.18 2.17
C ASP A 323 14.36 -2.31 1.57
N ASP A 324 15.45 -2.95 1.15
CA ASP A 324 16.52 -2.31 0.39
C ASP A 324 16.45 -2.69 -1.08
N VAL A 325 17.34 -2.12 -1.89
CA VAL A 325 17.34 -2.41 -3.33
C VAL A 325 17.53 -3.90 -3.57
N GLU A 326 18.38 -4.57 -2.79
CA GLU A 326 18.63 -5.99 -3.02
C GLU A 326 17.35 -6.81 -2.89
N ILE A 327 16.62 -6.64 -1.78
CA ILE A 327 15.40 -7.45 -1.62
C ILE A 327 14.32 -7.04 -2.60
N ILE A 328 14.28 -5.76 -2.99
CA ILE A 328 13.32 -5.32 -4.00
C ILE A 328 13.55 -6.06 -5.31
N LYS A 329 14.82 -6.19 -5.73
CA LYS A 329 15.08 -6.93 -6.95
C LYS A 329 14.62 -8.38 -6.83
N LYS A 330 14.83 -8.99 -5.66
CA LYS A 330 14.35 -10.36 -5.44
C LYS A 330 12.81 -10.42 -5.53
N LYS A 331 12.14 -9.46 -4.89
CA LYS A 331 10.69 -9.42 -4.93
C LYS A 331 10.17 -9.22 -6.36
N VAL A 332 10.81 -8.36 -7.15
CA VAL A 332 10.36 -8.16 -8.53
C VAL A 332 10.62 -9.40 -9.39
N ASN A 333 11.74 -10.09 -9.17
CA ASN A 333 11.93 -11.37 -9.87
C ASN A 333 10.85 -12.36 -9.49
N PHE A 334 10.39 -12.33 -8.23
CA PHE A 334 9.26 -13.16 -7.80
C PHE A 334 7.98 -12.80 -8.56
N ILE A 335 7.71 -11.50 -8.69
CA ILE A 335 6.56 -11.02 -9.46
C ILE A 335 6.60 -11.58 -10.88
N LYS A 336 7.76 -11.46 -11.54
CA LYS A 336 7.90 -11.93 -12.91
C LYS A 336 7.78 -13.44 -12.98
N SER A 337 8.37 -14.16 -12.03
CA SER A 337 8.34 -15.63 -12.04
C SER A 337 6.91 -16.17 -11.99
N LEU A 338 6.01 -15.50 -11.28
CA LEU A 338 4.61 -15.91 -11.15
C LEU A 338 3.71 -15.27 -12.20
N ASN A 339 4.28 -14.46 -13.09
CA ASN A 339 3.52 -13.77 -14.14
C ASN A 339 2.42 -12.89 -13.57
N LEU A 340 2.68 -12.29 -12.41
CA LEU A 340 1.71 -11.40 -11.80
C LEU A 340 1.50 -10.17 -12.66
N GLY A 341 0.42 -9.44 -12.36
CA GLY A 341 0.10 -8.23 -13.09
C GLY A 341 1.16 -7.15 -12.95
N GLY A 342 1.85 -7.12 -11.83
CA GLY A 342 2.93 -6.15 -11.64
C GLY A 342 3.15 -5.87 -10.17
N GLY A 343 3.61 -4.65 -9.90
CA GLY A 343 4.02 -4.27 -8.57
C GLY A 343 3.27 -3.02 -8.15
N MET A 344 3.29 -2.76 -6.85
CA MET A 344 2.63 -1.59 -6.28
C MET A 344 3.54 -1.06 -5.19
N ILE A 345 3.57 0.27 -4.99
CA ILE A 345 4.38 0.84 -3.91
C ILE A 345 3.53 1.72 -3.01
N TRP A 346 3.78 1.60 -1.70
CA TRP A 346 3.33 2.54 -0.70
C TRP A 346 4.59 3.15 -0.12
N ALA A 347 4.90 4.41 -0.46
CA ALA A 347 4.16 5.34 -1.31
C ALA A 347 5.25 6.22 -1.94
N LEU A 348 4.88 7.00 -2.96
CA LEU A 348 5.86 7.80 -3.70
C LEU A 348 6.73 8.66 -2.79
N ASP A 349 6.11 9.28 -1.79
CA ASP A 349 6.76 10.30 -0.97
C ASP A 349 7.63 9.71 0.12
N LEU A 350 7.78 8.39 0.18
CA LEU A 350 8.58 7.76 1.22
C LEU A 350 9.91 7.23 0.73
N ASP A 351 10.05 6.96 -0.58
CA ASP A 351 11.34 6.64 -1.19
C ASP A 351 12.23 7.87 -1.13
N ASP A 352 13.52 7.70 -1.41
CA ASP A 352 14.47 8.83 -1.36
C ASP A 352 14.42 9.61 -2.68
N TYR A 353 13.30 10.32 -2.88
CA TYR A 353 13.09 11.06 -4.13
C TYR A 353 14.01 12.26 -4.27
N ARG A 354 14.60 12.74 -3.17
CA ARG A 354 15.52 13.87 -3.22
C ARG A 354 16.98 13.47 -3.27
N ASN A 355 17.29 12.17 -3.25
CA ASN A 355 18.68 11.70 -3.24
C ASN A 355 19.42 12.23 -2.00
N ARG A 356 18.75 12.25 -0.86
CA ARG A 356 19.39 12.60 0.42
C ARG A 356 20.47 11.60 0.77
N CYS A 357 20.38 10.36 0.28
CA CYS A 357 21.30 9.29 0.68
C CYS A 357 22.35 8.98 -0.36
N GLY A 358 22.37 9.73 -1.47
CA GLY A 358 23.45 9.58 -2.43
C GLY A 358 23.44 8.31 -3.27
N GLN A 359 22.36 7.52 -3.23
CA GLN A 359 22.18 6.32 -4.04
C GLN A 359 21.44 6.61 -5.35
N GLY A 360 21.17 7.88 -5.65
CA GLY A 360 20.34 8.29 -6.76
C GLY A 360 18.93 8.64 -6.29
N LYS A 361 18.25 9.45 -7.08
CA LYS A 361 16.85 9.77 -6.81
C LYS A 361 15.99 8.52 -6.97
N HIS A 362 15.04 8.35 -6.05
CA HIS A 362 14.10 7.24 -6.10
C HIS A 362 14.83 5.89 -6.23
N PRO A 363 15.72 5.58 -5.29
CA PRO A 363 16.47 4.31 -5.44
C PRO A 363 15.60 3.07 -5.42
N LEU A 364 14.60 3.02 -4.53
CA LEU A 364 13.77 1.83 -4.47
C LEU A 364 12.89 1.70 -5.69
N LEU A 365 12.22 2.79 -6.06
CA LEU A 365 11.30 2.74 -7.19
C LEU A 365 12.04 2.51 -8.50
N ASN A 366 13.21 3.14 -8.67
CA ASN A 366 14.02 2.83 -9.86
C ASN A 366 14.45 1.37 -9.89
N ALA A 367 14.76 0.78 -8.73
CA ALA A 367 15.13 -0.64 -8.70
C ALA A 367 13.97 -1.50 -9.19
N ILE A 368 12.74 -1.16 -8.78
CA ILE A 368 11.57 -1.90 -9.25
C ILE A 368 11.43 -1.77 -10.76
N LYS A 369 11.49 -0.53 -11.28
CA LYS A 369 11.33 -0.31 -12.71
C LYS A 369 12.38 -1.11 -13.51
N THR A 370 13.64 -1.01 -13.09
CA THR A 370 14.70 -1.67 -13.84
C THR A 370 14.51 -3.18 -13.85
N GLU A 371 14.11 -3.75 -12.70
CA GLU A 371 13.91 -5.19 -12.68
C GLU A 371 12.69 -5.62 -13.47
N LEU A 372 11.60 -4.83 -13.43
CA LEU A 372 10.42 -5.18 -14.24
C LEU A 372 10.74 -5.16 -15.72
N LEU A 373 11.62 -4.25 -16.16
CA LEU A 373 11.98 -4.11 -17.57
C LEU A 373 13.08 -5.07 -17.99
N ASN A 374 13.70 -5.76 -17.05
CA ASN A 374 14.74 -6.73 -17.37
C ASN A 374 14.08 -8.04 -17.82
N PRO A 375 14.35 -8.54 -19.02
CA PRO A 375 13.66 -9.75 -19.50
C PRO A 375 14.06 -11.01 -18.75
N LYS A 376 15.25 -11.05 -18.17
CA LYS A 376 15.71 -12.25 -17.49
C LYS A 376 15.00 -12.42 -16.14
N ILE A 377 14.75 -13.68 -15.79
CA ILE A 377 14.10 -14.01 -14.50
C ILE A 377 15.01 -14.84 -13.58
#